data_5DMI
#
_entry.id   5DMI
#
_cell.length_a   201.152
_cell.length_b   201.152
_cell.length_c   63.809
_cell.angle_alpha   90.000
_cell.angle_beta   90.000
_cell.angle_gamma   90.000
#
_symmetry.space_group_name_H-M   'P 42 21 2'
#
loop_
_entity.id
_entity.type
_entity.pdbx_description
1 polymer 'Tumor necrosis factor receptor superfamily member 5'
2 polymer 'Chi220 Fab heavy chain'
3 polymer 'Chi220 Fab light chain'
4 non-polymer 'SULFATE ION'
5 water water
#
loop_
_entity_poly.entity_id
_entity_poly.type
_entity_poly.pdbx_seq_one_letter_code
_entity_poly.pdbx_strand_id
1 'polypeptide(L)'
;PTACREKQYLINSQCCSLCQPGQKLVSDCTEFTETECLPCGESEFLDTWNRETHCHQHKYCDPNLGLRVQQKGTSETDTI
CTCEEGWHCTSEACESCVLHRSCSPGFGVKQIATGVSDTICEPCPVGFFSDVSSAFEKCHPWTSCETKDLVVQQAGTDKT
DVVCGPQDRLRDPGGGGGRLVPR
;
A
2 'polypeptide(L)'
;QIQLVQSGPELKKPGETVRISCKASGYAFTTTGMQWVQEMPGKGLKWIGWINTHSGVPKYVEDFKGRFAFSLETSANTAY
LQISNLKNEDTATYFCVRSGNGNYDLAYFAYWGQGTLVTVSAASTKGPSVFPLAPSSKSTSGGTAALGCLVKDYFPEPVT
VSWNSGALTSGVHTFPAVLQSSGLYSLSSVVTVPSSSLGTQTYICNVNHKPSNTKVDKKVEPK
;
H
3 'polypeptide(L)'
;DIVLTQSPATLSVTPGDRVSLSCRASQSISDYLHWYQQKSHESPRLLIKYASHSISGIPSRFSGSGSGSDFTLSINSVEP
EDVGIYYCQHGHSFPWTFGGGTKLEIKRTVAAPSVFIFPPSDEQLKSGTASVVCLLNNFYPREAKVQWKVDNALQSGNSQ
ESVTEQDSKDSTYSLSSTLTLSKADYEKHKVYACEVTHQGLSSPVTKSFNRGE
;
L
#
loop_
_chem_comp.id
_chem_comp.type
_chem_comp.name
_chem_comp.formula
SO4 non-polymer 'SULFATE ION' 'O4 S -2'
#
# COMPACT_ATOMS: atom_id res chain seq x y z
N THR A 2 -27.90 -4.52 30.96
CA THR A 2 -26.97 -5.12 31.94
C THR A 2 -27.13 -6.68 31.98
N ALA A 3 -26.96 -7.33 33.19
CA ALA A 3 -27.00 -8.78 33.54
C ALA A 3 -25.71 -9.54 33.11
N CYS A 4 -25.87 -10.72 32.40
CA CYS A 4 -24.88 -11.62 31.78
C CYS A 4 -24.55 -12.90 32.56
N ARG A 5 -25.11 -14.03 32.06
CA ARG A 5 -24.96 -15.43 32.50
C ARG A 5 -23.46 -15.78 32.44
N GLU A 6 -22.91 -16.49 33.47
CA GLU A 6 -21.50 -16.91 33.54
C GLU A 6 -21.08 -17.77 32.33
N LYS A 7 -19.74 -17.89 32.08
CA LYS A 7 -19.13 -18.65 30.96
C LYS A 7 -19.68 -18.18 29.61
N GLN A 8 -20.19 -16.96 29.62
CA GLN A 8 -20.78 -16.29 28.50
C GLN A 8 -20.51 -14.83 28.80
N TYR A 9 -20.79 -14.41 30.02
CA TYR A 9 -20.56 -13.06 30.49
C TYR A 9 -19.31 -12.41 29.84
N LEU A 10 -19.58 -11.49 28.95
CA LEU A 10 -18.68 -10.66 28.18
C LEU A 10 -19.80 -9.67 27.89
N ILE A 11 -19.69 -8.42 28.36
CA ILE A 11 -20.77 -7.49 28.09
C ILE A 11 -20.21 -6.11 27.66
N ASN A 12 -20.71 -5.61 26.48
CA ASN A 12 -20.34 -4.34 25.78
C ASN A 12 -21.48 -3.91 24.82
N SER A 13 -22.49 -3.23 25.42
CA SER A 13 -23.80 -2.78 24.93
C SER A 13 -24.79 -3.95 25.17
N GLN A 14 -24.28 -5.21 24.97
CA GLN A 14 -24.95 -6.51 25.01
C GLN A 14 -24.08 -7.68 25.53
N CYS A 15 -24.73 -8.85 25.79
CA CYS A 15 -24.16 -10.10 26.30
C CYS A 15 -23.56 -10.93 25.20
N CYS A 16 -22.22 -11.12 25.18
CA CYS A 16 -21.52 -12.00 24.21
C CYS A 16 -21.09 -13.20 24.99
N SER A 17 -20.69 -14.33 24.33
CA SER A 17 -20.17 -15.54 25.02
C SER A 17 -18.65 -15.59 25.03
N LEU A 18 -18.06 -16.38 25.92
CA LEU A 18 -16.60 -16.41 25.98
C LEU A 18 -16.05 -17.45 25.04
N CYS A 19 -14.73 -17.65 25.05
CA CYS A 19 -14.15 -18.67 24.19
C CYS A 19 -13.98 -19.97 24.96
N GLN A 20 -14.34 -21.13 24.39
CA GLN A 20 -14.10 -22.37 25.16
C GLN A 20 -12.62 -22.57 25.34
N PRO A 21 -12.14 -23.00 26.54
CA PRO A 21 -10.71 -23.28 26.68
C PRO A 21 -10.17 -23.99 25.44
N GLY A 22 -9.02 -23.54 24.95
CA GLY A 22 -8.46 -24.08 23.73
C GLY A 22 -8.64 -23.13 22.57
N GLN A 23 -9.61 -22.19 22.69
CA GLN A 23 -9.88 -21.12 21.72
C GLN A 23 -9.53 -19.77 22.36
N LYS A 24 -9.12 -18.81 21.52
CA LYS A 24 -8.76 -17.43 21.91
C LYS A 24 -9.68 -16.49 21.12
N LEU A 25 -9.92 -15.26 21.63
CA LEU A 25 -10.76 -14.25 20.96
C LEU A 25 -10.14 -13.67 19.67
N VAL A 26 -10.97 -13.42 18.66
CA VAL A 26 -10.40 -12.80 17.47
C VAL A 26 -11.23 -11.59 17.08
N SER A 27 -12.50 -11.58 17.47
CA SER A 27 -13.42 -10.45 17.24
C SER A 27 -14.53 -10.51 18.25
N ASP A 28 -14.91 -9.33 18.75
CA ASP A 28 -15.99 -9.19 19.70
C ASP A 28 -17.29 -9.59 19.03
N CYS A 29 -18.33 -9.68 19.80
CA CYS A 29 -19.61 -10.00 19.22
C CYS A 29 -20.35 -8.65 18.86
N THR A 30 -21.32 -8.69 17.88
CA THR A 30 -22.16 -7.53 17.48
C THR A 30 -23.56 -7.77 17.99
N GLU A 31 -24.49 -6.81 17.78
CA GLU A 31 -25.90 -6.96 18.18
C GLU A 31 -26.47 -8.25 17.66
N PHE A 32 -25.95 -8.72 16.52
CA PHE A 32 -26.39 -9.91 15.80
C PHE A 32 -25.26 -10.74 15.20
N THR A 33 -24.19 -10.99 15.97
CA THR A 33 -23.08 -11.87 15.60
C THR A 33 -22.50 -12.33 16.88
N GLU A 34 -22.18 -13.63 16.98
CA GLU A 34 -21.59 -14.20 18.19
C GLU A 34 -20.12 -13.86 18.16
N THR A 35 -19.42 -14.15 19.26
CA THR A 35 -17.98 -13.93 19.44
C THR A 35 -17.16 -14.69 18.37
N GLU A 36 -15.88 -14.30 18.14
CA GLU A 36 -15.07 -14.97 17.14
C GLU A 36 -14.50 -16.30 17.62
N CYS A 37 -13.37 -16.25 18.32
CA CYS A 37 -12.63 -17.41 18.83
C CYS A 37 -12.10 -18.33 17.74
N LEU A 38 -10.79 -18.56 17.78
CA LEU A 38 -10.06 -19.44 16.90
C LEU A 38 -9.22 -20.29 17.84
N PRO A 39 -8.92 -21.55 17.47
CA PRO A 39 -8.17 -22.39 18.41
C PRO A 39 -6.71 -22.03 18.51
N CYS A 40 -6.23 -22.03 19.75
CA CYS A 40 -4.87 -21.75 20.20
C CYS A 40 -3.81 -22.38 19.28
N GLY A 41 -2.82 -21.59 18.88
CA GLY A 41 -1.77 -22.04 17.98
C GLY A 41 -0.80 -23.09 18.50
N GLU A 42 0.27 -23.35 17.70
CA GLU A 42 1.32 -24.29 18.03
C GLU A 42 2.14 -23.78 19.22
N SER A 43 2.22 -24.58 20.30
CA SER A 43 2.94 -24.25 21.54
C SER A 43 2.07 -23.46 22.53
N GLU A 44 0.87 -23.06 22.11
CA GLU A 44 -0.01 -22.29 22.99
C GLU A 44 -1.28 -23.04 23.46
N PHE A 45 -1.84 -22.59 24.60
CA PHE A 45 -3.03 -23.17 25.24
C PHE A 45 -3.80 -22.11 26.03
N LEU A 46 -5.06 -22.43 26.41
CA LEU A 46 -5.92 -21.61 27.29
C LEU A 46 -6.89 -22.54 27.99
N ASP A 47 -6.83 -22.61 29.33
CA ASP A 47 -7.63 -23.55 30.16
C ASP A 47 -8.92 -22.98 30.77
N THR A 48 -9.28 -21.73 30.39
CA THR A 48 -10.38 -20.91 30.89
C THR A 48 -11.39 -20.55 29.81
N TRP A 49 -12.66 -20.27 30.19
CA TRP A 49 -13.62 -19.70 29.25
C TRP A 49 -13.19 -18.24 29.26
N ASN A 50 -12.38 -17.88 28.27
CA ASN A 50 -11.65 -16.61 28.17
C ASN A 50 -12.22 -15.62 27.18
N ARG A 51 -11.91 -14.35 27.44
CA ARG A 51 -12.22 -13.22 26.59
C ARG A 51 -10.87 -12.63 26.17
N GLU A 52 -9.82 -13.53 26.11
CA GLU A 52 -8.40 -13.23 25.81
C GLU A 52 -8.04 -13.21 24.34
N THR A 53 -7.18 -12.21 23.94
CA THR A 53 -6.60 -11.96 22.60
C THR A 53 -5.59 -13.05 22.15
N HIS A 54 -4.64 -13.40 23.07
CA HIS A 54 -3.57 -14.36 22.90
C HIS A 54 -3.59 -15.42 23.98
N CYS A 55 -3.24 -16.67 23.60
CA CYS A 55 -3.09 -17.83 24.49
C CYS A 55 -1.70 -17.73 25.13
N HIS A 56 -1.37 -18.63 26.10
CA HIS A 56 -0.05 -18.65 26.75
C HIS A 56 0.80 -19.81 26.25
N GLN A 57 2.14 -19.65 26.28
CA GLN A 57 3.07 -20.68 25.85
C GLN A 57 3.12 -21.77 26.93
N HIS A 58 3.29 -23.02 26.50
CA HIS A 58 3.37 -24.15 27.42
C HIS A 58 4.64 -24.04 28.33
N LYS A 59 4.60 -24.64 29.53
CA LYS A 59 5.57 -24.60 30.65
C LYS A 59 7.07 -24.81 30.30
N TYR A 60 7.40 -25.48 29.18
CA TYR A 60 8.78 -25.78 28.71
C TYR A 60 9.36 -27.12 29.27
N CYS A 61 9.81 -27.18 30.56
CA CYS A 61 10.46 -28.35 31.21
C CYS A 61 11.94 -28.33 30.81
N ASP A 62 12.70 -27.38 31.43
CA ASP A 62 14.14 -27.12 31.19
C ASP A 62 15.04 -28.27 31.56
N PRO A 63 15.67 -28.92 30.55
CA PRO A 63 16.54 -30.05 30.85
C PRO A 63 17.80 -29.62 31.59
N ASN A 64 18.10 -28.33 31.55
CA ASN A 64 19.23 -27.76 32.28
C ASN A 64 18.95 -27.81 33.79
N LEU A 65 17.68 -27.99 34.14
CA LEU A 65 17.19 -28.12 35.50
C LEU A 65 16.74 -29.56 35.75
N GLY A 66 16.88 -30.38 34.71
CA GLY A 66 16.54 -31.79 34.72
C GLY A 66 15.07 -32.07 34.77
N LEU A 67 14.36 -31.64 33.73
CA LEU A 67 12.93 -31.85 33.70
C LEU A 67 12.55 -32.57 32.45
N ARG A 68 11.71 -33.58 32.62
CA ARG A 68 11.16 -34.41 31.55
C ARG A 68 9.77 -33.82 31.29
N VAL A 69 8.98 -34.46 30.44
CA VAL A 69 7.63 -34.02 30.15
C VAL A 69 6.71 -35.20 30.51
N GLN A 70 5.77 -34.98 31.45
CA GLN A 70 4.80 -36.01 31.86
C GLN A 70 3.65 -36.08 30.80
N GLN A 71 2.98 -34.93 30.58
CA GLN A 71 1.94 -34.77 29.58
C GLN A 71 2.29 -33.59 28.71
N LYS A 72 2.43 -33.84 27.40
CA LYS A 72 2.70 -32.79 26.42
C LYS A 72 1.35 -32.07 26.25
N GLY A 73 1.30 -30.85 26.80
CA GLY A 73 0.11 -30.01 26.83
C GLY A 73 -0.68 -29.87 25.55
N THR A 74 -2.03 -29.77 25.73
CA THR A 74 -3.00 -29.56 24.66
C THR A 74 -3.21 -28.07 24.55
N SER A 75 -4.12 -27.67 23.65
CA SER A 75 -4.52 -26.28 23.49
C SER A 75 -5.41 -25.90 24.70
N GLU A 76 -5.83 -26.91 25.51
CA GLU A 76 -6.65 -26.75 26.72
C GLU A 76 -5.86 -26.90 28.01
N THR A 77 -4.78 -27.72 28.01
CA THR A 77 -4.01 -27.88 29.24
C THR A 77 -2.57 -27.59 29.04
N ASP A 78 -1.91 -27.07 30.08
CA ASP A 78 -0.50 -26.78 30.00
C ASP A 78 0.29 -28.08 29.92
N THR A 79 1.59 -27.97 29.78
CA THR A 79 2.47 -29.10 29.70
C THR A 79 2.71 -29.52 31.17
N ILE A 80 2.43 -30.81 31.49
CA ILE A 80 2.63 -31.38 32.82
C ILE A 80 4.13 -31.72 32.90
N CYS A 81 4.86 -30.96 33.73
CA CYS A 81 6.31 -31.01 33.89
C CYS A 81 6.79 -32.09 34.84
N THR A 82 7.28 -33.22 34.28
CA THR A 82 7.85 -34.31 35.09
C THR A 82 9.30 -33.96 35.47
N CYS A 83 9.84 -34.65 36.46
CA CYS A 83 11.22 -34.45 36.87
C CYS A 83 12.07 -35.67 36.34
N GLU A 84 13.41 -35.52 36.18
CA GLU A 84 14.32 -36.53 35.60
C GLU A 84 14.10 -37.96 36.09
N GLU A 85 14.29 -38.93 35.21
CA GLU A 85 14.12 -40.37 35.52
C GLU A 85 15.29 -40.93 36.38
N GLY A 86 15.83 -40.06 37.23
CA GLY A 86 16.89 -40.34 38.17
C GLY A 86 16.86 -39.39 39.34
N TRP A 87 16.24 -38.22 39.13
CA TRP A 87 16.16 -37.14 40.11
C TRP A 87 14.75 -36.88 40.66
N HIS A 88 14.65 -36.56 41.97
CA HIS A 88 13.39 -36.25 42.65
C HIS A 88 13.08 -34.74 42.53
N CYS A 89 11.77 -34.39 42.39
CA CYS A 89 11.31 -33.01 42.24
C CYS A 89 11.38 -32.19 43.55
N THR A 90 11.94 -30.94 43.51
CA THR A 90 12.11 -30.05 44.69
C THR A 90 10.81 -29.58 45.40
N SER A 91 9.70 -29.31 44.67
CA SER A 91 8.46 -28.83 45.29
C SER A 91 7.20 -29.05 44.45
N GLU A 92 6.17 -29.68 45.10
CA GLU A 92 4.79 -30.06 44.68
C GLU A 92 4.41 -29.63 43.27
N ALA A 93 5.15 -30.17 42.28
CA ALA A 93 5.10 -29.88 40.84
C ALA A 93 5.50 -28.39 40.52
N CYS A 94 6.77 -28.06 40.10
CA CYS A 94 7.98 -28.86 39.79
C CYS A 94 8.95 -27.88 39.11
N GLU A 95 9.54 -26.95 39.87
CA GLU A 95 10.40 -25.94 39.25
C GLU A 95 11.89 -26.30 39.23
N SER A 96 12.42 -26.73 40.39
CA SER A 96 13.82 -27.14 40.59
C SER A 96 13.88 -28.64 40.85
N CYS A 97 14.90 -29.34 40.31
CA CYS A 97 15.05 -30.78 40.55
C CYS A 97 16.30 -31.09 41.39
N VAL A 98 16.28 -32.19 42.19
CA VAL A 98 17.41 -32.54 43.07
C VAL A 98 17.61 -34.10 43.19
N LEU A 99 18.73 -34.51 43.82
CA LEU A 99 19.14 -35.90 43.98
C LEU A 99 18.74 -36.53 45.33
N GLN B 1 -20.92 -0.85 3.69
CA GLN B 1 -20.11 -1.54 4.69
C GLN B 1 -19.36 -0.53 5.56
N ILE B 2 -18.37 -1.04 6.37
CA ILE B 2 -17.47 -0.28 7.26
C ILE B 2 -16.50 0.52 6.38
N GLN B 3 -16.32 1.82 6.69
CA GLN B 3 -15.46 2.77 5.96
C GLN B 3 -14.55 3.65 6.85
N LEU B 4 -13.33 3.90 6.38
CA LEU B 4 -12.34 4.75 7.05
C LEU B 4 -11.88 5.85 6.08
N VAL B 5 -12.36 7.08 6.31
CA VAL B 5 -12.08 8.25 5.50
C VAL B 5 -11.10 9.13 6.23
N GLN B 6 -10.04 9.57 5.56
CA GLN B 6 -8.97 10.33 6.21
C GLN B 6 -8.88 11.78 5.77
N SER B 7 -8.00 12.54 6.41
CA SER B 7 -7.80 13.94 6.08
C SER B 7 -6.96 14.08 4.79
N GLY B 8 -7.01 15.28 4.22
CA GLY B 8 -6.28 15.68 3.03
C GLY B 8 -4.76 15.65 3.21
N PRO B 9 -3.99 15.81 2.11
CA PRO B 9 -2.54 15.75 2.22
C PRO B 9 -2.00 17.05 2.78
N GLU B 10 -1.06 16.96 3.73
CA GLU B 10 -0.48 18.12 4.39
C GLU B 10 1.01 18.31 4.04
N LEU B 11 1.46 19.56 4.11
CA LEU B 11 2.86 19.92 3.94
C LEU B 11 3.21 20.82 5.13
N LYS B 12 4.26 20.48 5.89
CA LYS B 12 4.66 21.29 7.06
C LYS B 12 6.19 21.42 7.09
N LYS B 13 6.67 22.57 7.60
CA LYS B 13 8.11 22.85 7.73
C LYS B 13 8.62 22.04 8.93
N PRO B 14 9.89 21.59 8.89
CA PRO B 14 10.42 20.79 10.00
C PRO B 14 10.34 21.48 11.34
N GLY B 15 10.01 20.72 12.36
CA GLY B 15 9.87 21.20 13.73
C GLY B 15 8.50 21.74 14.08
N GLU B 16 7.56 21.72 13.12
CA GLU B 16 6.20 22.14 13.37
C GLU B 16 5.36 20.88 13.75
N THR B 17 4.04 21.01 13.74
CA THR B 17 3.14 19.90 14.05
C THR B 17 2.11 19.72 12.91
N VAL B 18 1.38 18.60 12.94
CA VAL B 18 0.34 18.22 11.97
C VAL B 18 -0.56 17.21 12.66
N ARG B 19 -1.85 17.25 12.36
CA ARG B 19 -2.87 16.34 12.90
C ARG B 19 -3.61 15.73 11.69
N ILE B 20 -3.74 14.40 11.67
CA ILE B 20 -4.42 13.71 10.59
C ILE B 20 -5.72 13.18 11.15
N SER B 21 -6.85 13.41 10.46
CA SER B 21 -8.13 12.87 10.95
C SER B 21 -8.51 11.52 10.30
N CYS B 22 -9.46 10.80 10.92
CA CYS B 22 -9.93 9.51 10.46
C CYS B 22 -11.38 9.36 10.88
N LYS B 23 -12.31 9.35 9.90
CA LYS B 23 -13.73 9.29 10.20
C LYS B 23 -14.33 7.92 9.88
N ALA B 24 -14.42 7.14 10.95
CA ALA B 24 -14.97 5.81 10.94
C ALA B 24 -16.51 5.86 10.85
N SER B 25 -17.06 4.98 10.02
CA SER B 25 -18.47 4.85 9.74
C SER B 25 -18.78 3.42 9.32
N GLY B 26 -19.94 2.94 9.70
CA GLY B 26 -20.36 1.59 9.35
C GLY B 26 -20.28 0.64 10.52
N TYR B 27 -19.98 1.20 11.70
CA TYR B 27 -19.85 0.46 12.93
C TYR B 27 -19.97 1.39 14.16
N ALA B 28 -19.98 0.79 15.36
CA ALA B 28 -20.04 1.48 16.64
C ALA B 28 -18.62 1.88 17.05
N PHE B 29 -18.21 3.12 16.70
CA PHE B 29 -16.88 3.72 16.92
C PHE B 29 -16.11 3.28 18.21
N THR B 30 -16.82 3.16 19.36
CA THR B 30 -16.36 2.80 20.71
C THR B 30 -16.17 1.26 20.98
N THR B 31 -16.73 0.44 20.11
CA THR B 31 -16.65 -1.01 20.21
C THR B 31 -15.29 -1.51 19.74
N THR B 32 -14.72 -0.83 18.74
CA THR B 32 -13.46 -1.23 18.16
C THR B 32 -12.43 -0.12 18.22
N GLY B 33 -11.32 -0.42 18.87
CA GLY B 33 -10.18 0.47 19.01
C GLY B 33 -9.53 0.78 17.67
N MET B 34 -9.08 2.05 17.53
CA MET B 34 -8.44 2.56 16.31
C MET B 34 -6.92 2.43 16.39
N GLN B 35 -6.29 2.08 15.26
CA GLN B 35 -4.85 1.91 15.16
C GLN B 35 -4.29 2.77 14.06
N TRP B 36 -2.94 2.98 14.05
CA TRP B 36 -2.26 3.77 13.02
C TRP B 36 -1.01 3.08 12.47
N VAL B 37 -0.81 3.20 11.15
CA VAL B 37 0.33 2.63 10.38
C VAL B 37 1.02 3.72 9.54
N GLN B 38 2.36 3.61 9.41
CA GLN B 38 3.20 4.53 8.65
C GLN B 38 3.86 3.85 7.46
N GLU B 39 3.46 4.28 6.25
CA GLU B 39 4.05 3.73 5.04
C GLU B 39 5.06 4.68 4.48
N MET B 40 6.32 4.21 4.49
CA MET B 40 7.47 4.95 4.04
C MET B 40 7.57 4.95 2.54
N PRO B 41 7.82 6.13 1.90
CA PRO B 41 7.92 6.16 0.44
C PRO B 41 8.76 5.00 -0.12
N GLY B 42 8.02 4.14 -0.81
CA GLY B 42 8.54 2.92 -1.36
C GLY B 42 8.57 1.83 -0.31
N LYS B 43 9.50 2.01 0.66
CA LYS B 43 9.78 1.13 1.81
C LYS B 43 8.52 0.51 2.55
N GLY B 44 8.85 -0.20 3.63
CA GLY B 44 7.91 -0.96 4.45
C GLY B 44 6.93 -0.21 5.32
N LEU B 45 6.20 -1.03 6.10
CA LEU B 45 5.17 -0.60 7.02
C LEU B 45 5.60 -0.81 8.48
N LYS B 46 5.26 0.18 9.31
CA LYS B 46 5.55 0.21 10.74
C LYS B 46 4.24 0.56 11.44
N TRP B 47 3.86 -0.27 12.44
CA TRP B 47 2.66 -0.06 13.25
C TRP B 47 3.04 0.97 14.30
N ILE B 48 2.35 2.15 14.32
CA ILE B 48 2.59 3.28 15.24
C ILE B 48 2.10 2.95 16.66
N GLY B 49 1.02 2.20 16.72
CA GLY B 49 0.39 1.80 17.97
C GLY B 49 -1.11 1.90 17.85
N TRP B 50 -1.80 1.89 18.99
CA TRP B 50 -3.25 1.97 18.97
C TRP B 50 -3.83 2.76 20.13
N ILE B 51 -5.11 3.12 19.97
CA ILE B 51 -5.92 3.81 20.97
C ILE B 51 -7.20 3.05 21.24
N ASN B 52 -7.63 3.12 22.49
CA ASN B 52 -8.87 2.56 22.99
C ASN B 52 -10.00 3.52 22.67
N THR B 53 -10.96 3.12 21.82
CA THR B 53 -12.04 4.04 21.46
C THR B 53 -13.09 4.16 22.56
N HIS B 54 -12.87 3.51 23.71
CA HIS B 54 -13.79 3.58 24.82
C HIS B 54 -13.15 4.34 25.97
N SER B 55 -11.97 3.89 26.46
CA SER B 55 -11.19 4.52 27.53
C SER B 55 -10.34 5.72 27.07
N GLY B 56 -9.92 5.70 25.80
CA GLY B 56 -9.08 6.75 25.24
C GLY B 56 -7.62 6.55 25.58
N VAL B 57 -7.27 5.36 26.11
CA VAL B 57 -5.92 5.05 26.52
C VAL B 57 -5.15 4.47 25.34
N PRO B 58 -4.03 5.13 24.98
CA PRO B 58 -3.21 4.65 23.86
C PRO B 58 -1.97 3.84 24.28
N LYS B 59 -1.55 2.91 23.39
CA LYS B 59 -0.35 2.09 23.52
C LYS B 59 0.43 2.47 22.27
N TYR B 60 1.59 3.13 22.48
CA TYR B 60 2.46 3.59 21.40
C TYR B 60 3.70 2.71 21.32
N VAL B 61 4.11 2.36 20.09
CA VAL B 61 5.32 1.58 19.87
C VAL B 61 6.53 2.53 20.09
N GLU B 62 7.53 2.08 20.89
CA GLU B 62 8.63 2.88 21.43
C GLU B 62 9.18 3.97 20.52
N ASP B 63 9.58 3.65 19.29
CA ASP B 63 10.16 4.69 18.40
C ASP B 63 9.22 5.89 18.20
N PHE B 64 7.92 5.61 18.00
CA PHE B 64 6.84 6.57 17.76
C PHE B 64 6.38 7.34 18.96
N LYS B 65 6.42 6.71 20.17
CA LYS B 65 6.09 7.32 21.47
C LYS B 65 6.83 8.69 21.65
N GLY B 66 6.17 9.66 22.29
CA GLY B 66 6.80 10.96 22.51
C GLY B 66 6.60 11.99 21.41
N ARG B 67 6.71 11.59 20.11
CA ARG B 67 6.46 12.53 19.00
C ARG B 67 5.09 12.37 18.33
N PHE B 68 4.61 11.14 18.29
CA PHE B 68 3.30 10.76 17.77
C PHE B 68 2.30 10.66 18.93
N ALA B 69 1.02 11.04 18.67
CA ALA B 69 -0.03 11.02 19.70
C ALA B 69 -1.45 10.89 19.19
N PHE B 70 -2.16 9.86 19.70
CA PHE B 70 -3.56 9.51 19.37
C PHE B 70 -4.58 10.27 20.22
N SER B 71 -5.55 10.92 19.56
CA SER B 71 -6.59 11.77 20.15
C SER B 71 -7.88 11.45 19.46
N LEU B 72 -9.05 11.47 20.14
CA LEU B 72 -10.29 11.18 19.39
C LEU B 72 -11.49 11.99 19.80
N GLU B 73 -12.37 12.25 18.83
CA GLU B 73 -13.62 12.96 19.01
C GLU B 73 -14.75 11.98 18.72
N THR B 74 -15.12 11.28 19.78
CA THR B 74 -16.16 10.26 19.89
C THR B 74 -17.47 10.67 19.22
N SER B 75 -17.94 11.86 19.62
CA SER B 75 -19.14 12.55 19.15
C SER B 75 -19.21 12.60 17.62
N ALA B 76 -18.04 12.60 16.96
CA ALA B 76 -17.92 12.69 15.51
C ALA B 76 -17.45 11.40 14.87
N ASN B 77 -17.19 10.34 15.65
CA ASN B 77 -16.67 9.08 15.11
C ASN B 77 -15.36 9.34 14.34
N THR B 78 -14.52 10.23 14.89
CA THR B 78 -13.25 10.64 14.31
C THR B 78 -12.09 10.44 15.28
N ALA B 79 -11.10 9.66 14.85
CA ALA B 79 -9.87 9.49 15.62
C ALA B 79 -8.82 10.32 14.91
N TYR B 80 -7.85 10.83 15.65
CA TYR B 80 -6.79 11.64 15.08
C TYR B 80 -5.43 11.12 15.51
N LEU B 81 -4.40 11.63 14.85
CA LEU B 81 -3.00 11.33 15.12
C LEU B 81 -2.25 12.60 14.82
N GLN B 82 -1.56 13.14 15.84
CA GLN B 82 -0.82 14.35 15.60
C GLN B 82 0.65 14.14 15.88
N ILE B 83 1.45 14.53 14.89
CA ILE B 83 2.90 14.42 14.91
C ILE B 83 3.49 15.77 15.33
N SER B 84 4.19 15.77 16.49
CA SER B 84 4.83 16.94 17.07
C SER B 84 6.31 16.99 16.68
N ASN B 85 6.87 18.21 16.64
CA ASN B 85 8.26 18.54 16.29
C ASN B 85 8.66 17.70 15.11
N LEU B 86 8.05 18.02 13.96
CA LEU B 86 8.19 17.27 12.72
C LEU B 86 9.61 17.15 12.22
N LYS B 87 10.02 15.92 11.94
CA LYS B 87 11.36 15.63 11.45
C LYS B 87 11.25 15.33 9.98
N ASN B 88 12.33 15.53 9.22
CA ASN B 88 12.32 15.28 7.78
C ASN B 88 12.04 13.82 7.48
N GLU B 89 12.44 12.94 8.41
CA GLU B 89 12.28 11.49 8.37
C GLU B 89 10.81 11.09 8.45
N ASP B 90 9.94 12.05 8.72
CA ASP B 90 8.54 11.74 8.89
C ASP B 90 7.74 11.87 7.62
N THR B 91 8.39 12.26 6.49
CA THR B 91 7.67 12.36 5.21
C THR B 91 7.33 10.95 4.85
N ALA B 92 6.03 10.62 5.00
CA ALA B 92 5.44 9.30 4.76
C ALA B 92 3.94 9.43 4.53
N THR B 93 3.28 8.29 4.26
CA THR B 93 1.82 8.21 4.15
C THR B 93 1.34 7.58 5.45
N TYR B 94 0.27 8.12 6.03
CA TYR B 94 -0.24 7.65 7.31
C TYR B 94 -1.64 7.03 7.18
N PHE B 95 -1.80 5.82 7.74
CA PHE B 95 -3.05 5.07 7.67
C PHE B 95 -3.64 4.81 9.03
N CYS B 96 -4.96 5.00 9.14
CA CYS B 96 -5.66 4.61 10.35
C CYS B 96 -6.26 3.28 9.99
N VAL B 97 -6.19 2.34 10.92
CA VAL B 97 -6.62 0.95 10.74
C VAL B 97 -7.51 0.47 11.86
N ARG B 98 -8.33 -0.51 11.50
CA ARG B 98 -9.31 -1.14 12.37
C ARG B 98 -9.21 -2.64 12.20
N SER B 99 -9.75 -3.34 13.19
CA SER B 99 -10.00 -4.79 13.29
C SER B 99 -8.97 -5.64 14.03
N GLY B 100 -9.42 -6.68 14.72
CA GLY B 100 -10.80 -7.20 14.79
C GLY B 100 -11.99 -6.33 15.17
N ASN B 101 -12.89 -6.90 15.99
CA ASN B 101 -14.14 -6.26 16.41
C ASN B 101 -14.13 -5.81 17.84
N GLY B 102 -13.08 -6.12 18.56
CA GLY B 102 -12.99 -5.64 19.92
C GLY B 102 -12.16 -4.38 20.11
N ASN B 103 -12.11 -3.91 21.37
CA ASN B 103 -11.29 -2.78 21.76
C ASN B 103 -10.09 -3.32 22.53
N TYR B 104 -9.29 -4.17 21.85
CA TYR B 104 -8.10 -4.87 22.34
C TYR B 104 -6.96 -4.74 21.32
N ASP B 105 -5.89 -5.57 21.47
CA ASP B 105 -4.71 -5.69 20.60
C ASP B 105 -5.03 -5.92 19.14
N LEU B 106 -5.27 -7.18 18.75
CA LEU B 106 -5.66 -7.64 17.40
C LEU B 106 -4.83 -7.01 16.25
N ALA B 107 -3.83 -7.77 15.76
CA ALA B 107 -2.91 -7.34 14.71
C ALA B 107 -3.45 -7.43 13.31
N TYR B 108 -4.58 -8.13 13.12
CA TYR B 108 -5.12 -8.26 11.78
C TYR B 108 -5.88 -7.02 11.39
N PHE B 109 -5.34 -6.26 10.43
CA PHE B 109 -5.92 -5.00 9.96
C PHE B 109 -6.87 -5.20 8.79
N ALA B 110 -8.15 -5.50 9.11
CA ALA B 110 -9.15 -5.76 8.07
C ALA B 110 -9.63 -4.53 7.38
N TYR B 111 -9.61 -3.38 8.08
CA TYR B 111 -10.05 -2.12 7.48
C TYR B 111 -8.96 -1.07 7.49
N TRP B 112 -8.66 -0.47 6.31
CA TRP B 112 -7.63 0.57 6.17
C TRP B 112 -8.26 1.85 5.68
N GLY B 113 -7.65 2.96 6.04
CA GLY B 113 -8.08 4.27 5.54
C GLY B 113 -7.48 4.48 4.16
N GLN B 114 -7.65 5.67 3.58
CA GLN B 114 -7.09 5.87 2.24
C GLN B 114 -5.63 6.30 2.26
N GLY B 115 -5.16 6.77 3.42
CA GLY B 115 -3.81 7.28 3.57
C GLY B 115 -3.72 8.80 3.54
N THR B 116 -2.83 9.32 4.34
CA THR B 116 -2.65 10.76 4.40
C THR B 116 -1.17 11.00 4.23
N LEU B 117 -0.79 11.66 3.14
CA LEU B 117 0.63 11.92 2.92
C LEU B 117 1.06 13.21 3.63
N VAL B 118 2.05 13.09 4.51
CA VAL B 118 2.60 14.26 5.17
C VAL B 118 3.94 14.53 4.51
N THR B 119 4.13 15.78 4.10
CA THR B 119 5.36 16.21 3.45
C THR B 119 6.04 17.20 4.41
N VAL B 120 7.25 16.87 4.89
CA VAL B 120 8.03 17.73 5.78
C VAL B 120 9.06 18.47 4.89
N SER B 121 8.82 19.78 4.64
CA SER B 121 9.70 20.58 3.78
C SER B 121 9.64 22.07 4.09
N ALA B 122 10.81 22.71 3.88
CA ALA B 122 11.06 24.14 4.05
C ALA B 122 10.39 24.90 2.91
N ALA B 123 10.13 24.17 1.81
CA ALA B 123 9.49 24.68 0.61
C ALA B 123 8.06 24.99 0.86
N SER B 124 7.52 25.90 0.07
CA SER B 124 6.13 26.33 0.12
C SER B 124 5.34 25.67 -1.02
N THR B 125 4.00 25.68 -0.90
CA THR B 125 3.11 25.08 -1.88
C THR B 125 3.03 25.93 -3.15
N LYS B 126 3.13 25.28 -4.31
CA LYS B 126 2.98 25.88 -5.64
C LYS B 126 1.93 25.09 -6.42
N GLY B 127 0.97 25.81 -6.97
CA GLY B 127 -0.08 25.21 -7.77
C GLY B 127 0.39 24.79 -9.15
N PRO B 128 -0.17 23.68 -9.68
CA PRO B 128 0.22 23.25 -11.02
C PRO B 128 -0.36 24.13 -12.11
N SER B 129 0.35 24.12 -13.24
CA SER B 129 -0.02 24.74 -14.49
C SER B 129 -0.39 23.54 -15.35
N VAL B 130 -1.65 23.52 -15.86
CA VAL B 130 -2.12 22.41 -16.71
C VAL B 130 -2.06 22.80 -18.17
N PHE B 131 -1.52 21.88 -18.97
CA PHE B 131 -1.33 22.12 -20.37
C PHE B 131 -1.83 20.95 -21.22
N PRO B 132 -2.36 21.23 -22.44
CA PRO B 132 -2.86 20.14 -23.28
C PRO B 132 -1.80 19.42 -24.09
N LEU B 133 -1.74 18.08 -23.95
CA LEU B 133 -0.91 17.21 -24.80
C LEU B 133 -1.90 16.76 -25.91
N ALA B 134 -2.04 17.62 -26.93
CA ALA B 134 -3.01 17.54 -28.01
C ALA B 134 -2.88 16.31 -28.94
N PRO B 135 -4.05 15.72 -29.37
CA PRO B 135 -3.98 14.56 -30.28
C PRO B 135 -3.82 14.99 -31.73
N SER B 136 -3.10 14.14 -32.52
CA SER B 136 -2.70 14.30 -33.92
C SER B 136 -3.82 14.24 -34.97
N SER B 137 -4.81 13.30 -34.81
CA SER B 137 -5.91 13.00 -35.75
C SER B 137 -5.37 12.27 -37.00
N LYS B 138 -4.28 12.85 -37.57
CA LYS B 138 -3.51 12.37 -38.70
C LYS B 138 -2.63 11.18 -38.26
N SER B 139 -1.78 11.36 -37.21
CA SER B 139 -0.88 10.33 -36.67
C SER B 139 -1.55 9.39 -35.60
N THR B 140 -1.72 8.10 -35.99
CA THR B 140 -2.36 7.00 -35.21
C THR B 140 -1.41 5.79 -35.10
N SER B 141 -1.04 5.35 -33.87
CA SER B 141 -0.12 4.19 -33.70
C SER B 141 -0.81 2.84 -33.86
N GLY B 142 -1.55 2.39 -32.83
CA GLY B 142 -2.27 1.13 -32.89
C GLY B 142 -3.72 1.35 -33.28
N GLY B 143 -3.93 2.22 -34.29
CA GLY B 143 -5.25 2.68 -34.74
C GLY B 143 -5.88 3.62 -33.73
N THR B 144 -5.14 3.86 -32.62
CA THR B 144 -5.48 4.69 -31.47
C THR B 144 -4.78 6.04 -31.47
N ALA B 145 -5.54 7.02 -31.04
CA ALA B 145 -5.14 8.40 -30.87
C ALA B 145 -4.78 8.59 -29.39
N ALA B 146 -3.62 9.22 -29.11
CA ALA B 146 -3.23 9.55 -27.75
C ALA B 146 -3.29 11.05 -27.55
N LEU B 147 -3.85 11.40 -26.39
CA LEU B 147 -4.01 12.73 -25.87
C LEU B 147 -3.75 12.72 -24.36
N GLY B 148 -3.44 13.88 -23.79
CA GLY B 148 -3.18 13.99 -22.36
C GLY B 148 -3.17 15.38 -21.78
N CYS B 149 -2.67 15.46 -20.53
CA CYS B 149 -2.50 16.68 -19.76
C CYS B 149 -1.13 16.72 -19.18
N LEU B 150 -0.55 17.93 -19.13
CA LEU B 150 0.76 18.18 -18.52
C LEU B 150 0.50 19.00 -17.29
N VAL B 151 0.82 18.39 -16.15
CA VAL B 151 0.62 18.97 -14.85
C VAL B 151 2.00 19.43 -14.40
N LYS B 152 2.41 20.60 -14.90
CA LYS B 152 3.74 21.18 -14.73
C LYS B 152 3.87 22.02 -13.48
N ASP B 153 5.11 22.08 -12.93
CA ASP B 153 5.57 22.89 -11.78
C ASP B 153 4.56 23.06 -10.65
N TYR B 154 4.51 22.07 -9.73
CA TYR B 154 3.62 22.05 -8.56
C TYR B 154 4.33 21.46 -7.34
N PHE B 155 3.96 21.91 -6.14
CA PHE B 155 4.52 21.36 -4.91
C PHE B 155 3.55 21.47 -3.75
N PRO B 156 3.42 20.47 -2.87
CA PRO B 156 4.08 19.15 -2.83
C PRO B 156 3.25 18.07 -3.51
N GLU B 157 3.69 16.81 -3.41
CA GLU B 157 2.88 15.73 -3.93
C GLU B 157 1.62 15.59 -2.98
N PRO B 158 0.43 15.18 -3.47
CA PRO B 158 0.12 14.54 -4.76
C PRO B 158 -0.91 15.26 -5.63
N VAL B 159 -1.12 14.72 -6.85
CA VAL B 159 -2.16 15.28 -7.70
C VAL B 159 -3.16 14.23 -8.15
N THR B 160 -4.43 14.64 -8.18
CA THR B 160 -5.56 13.83 -8.56
C THR B 160 -5.90 14.13 -10.02
N VAL B 161 -5.60 13.19 -10.93
CA VAL B 161 -5.97 13.40 -12.33
C VAL B 161 -6.92 12.31 -12.82
N SER B 162 -8.15 12.74 -13.14
CA SER B 162 -9.25 11.92 -13.66
C SER B 162 -9.60 12.43 -15.05
N TRP B 163 -10.28 11.57 -15.85
CA TRP B 163 -10.68 11.93 -17.22
C TRP B 163 -12.20 11.93 -17.41
N ASN B 164 -12.70 13.02 -18.00
CA ASN B 164 -14.10 13.29 -18.25
C ASN B 164 -14.93 13.13 -16.98
N SER B 165 -14.44 13.74 -15.88
CA SER B 165 -15.04 13.70 -14.55
C SER B 165 -15.27 12.24 -14.10
N GLY B 166 -14.23 11.43 -14.23
CA GLY B 166 -14.27 10.02 -13.85
C GLY B 166 -14.86 9.06 -14.86
N ALA B 167 -15.66 9.59 -15.84
CA ALA B 167 -16.32 8.82 -16.90
C ALA B 167 -15.33 8.03 -17.75
N LEU B 168 -14.27 8.69 -18.28
CA LEU B 168 -13.23 7.98 -19.02
C LEU B 168 -12.27 7.35 -18.01
N THR B 169 -12.21 6.04 -18.03
CA THR B 169 -11.43 5.35 -17.03
C THR B 169 -10.33 4.49 -17.64
N SER B 170 -10.67 3.56 -18.55
CA SER B 170 -9.68 2.67 -19.13
C SER B 170 -8.88 3.33 -20.24
N GLY B 171 -7.64 2.89 -20.38
CA GLY B 171 -6.71 3.39 -21.38
C GLY B 171 -5.99 4.64 -20.93
N VAL B 172 -6.23 5.04 -19.67
CA VAL B 172 -5.65 6.20 -18.99
C VAL B 172 -4.36 5.80 -18.29
N HIS B 173 -3.37 6.66 -18.37
CA HIS B 173 -2.08 6.49 -17.73
C HIS B 173 -1.65 7.79 -17.11
N THR B 174 -1.83 7.91 -15.78
CA THR B 174 -1.38 9.07 -15.03
C THR B 174 -0.02 8.59 -14.53
N PHE B 175 1.04 9.22 -15.05
CA PHE B 175 2.40 8.79 -14.78
C PHE B 175 2.88 9.09 -13.39
N PRO B 176 4.00 8.49 -12.92
CA PRO B 176 4.52 8.88 -11.61
C PRO B 176 5.11 10.28 -11.78
N ALA B 177 4.98 11.13 -10.76
CA ALA B 177 5.49 12.49 -10.87
C ALA B 177 7.00 12.53 -10.85
N VAL B 178 7.57 13.57 -11.47
CA VAL B 178 9.00 13.77 -11.54
C VAL B 178 9.34 15.13 -10.95
N LEU B 179 10.21 15.14 -9.92
CA LEU B 179 10.66 16.38 -9.28
C LEU B 179 11.82 16.86 -10.12
N GLN B 180 11.71 18.12 -10.64
CA GLN B 180 12.73 18.73 -11.48
C GLN B 180 13.83 19.43 -10.64
N SER B 181 14.75 20.15 -11.31
CA SER B 181 15.84 20.89 -10.67
C SER B 181 15.24 22.01 -9.85
N SER B 182 14.21 22.68 -10.42
CA SER B 182 13.46 23.78 -9.84
C SER B 182 12.85 23.46 -8.45
N GLY B 183 12.91 22.19 -8.06
CA GLY B 183 12.41 21.69 -6.79
C GLY B 183 10.91 21.41 -6.80
N LEU B 184 10.29 21.64 -7.97
CA LEU B 184 8.87 21.42 -8.20
C LEU B 184 8.66 20.13 -8.93
N TYR B 185 7.41 19.64 -8.88
CA TYR B 185 7.02 18.42 -9.54
C TYR B 185 6.35 18.65 -10.88
N SER B 186 6.33 17.59 -11.69
CA SER B 186 5.67 17.54 -12.97
C SER B 186 5.34 16.10 -13.40
N LEU B 187 4.11 15.92 -13.88
CA LEU B 187 3.64 14.66 -14.42
C LEU B 187 2.69 14.92 -15.57
N SER B 188 2.43 13.84 -16.31
CA SER B 188 1.56 13.82 -17.45
C SER B 188 0.59 12.66 -17.34
N SER B 189 -0.65 12.91 -17.78
CA SER B 189 -1.74 11.93 -17.81
C SER B 189 -2.17 11.78 -19.27
N VAL B 190 -2.06 10.55 -19.78
CA VAL B 190 -2.36 10.25 -21.17
C VAL B 190 -3.46 9.23 -21.31
N VAL B 191 -4.26 9.35 -22.38
CA VAL B 191 -5.36 8.44 -22.64
C VAL B 191 -5.48 8.13 -24.18
N THR B 192 -5.51 6.82 -24.51
CA THR B 192 -5.58 6.25 -25.86
C THR B 192 -7.00 5.90 -26.27
N VAL B 193 -7.58 6.79 -27.06
CA VAL B 193 -8.94 6.68 -27.58
C VAL B 193 -8.95 6.25 -29.06
N PRO B 194 -10.07 5.73 -29.67
CA PRO B 194 -10.03 5.46 -31.12
C PRO B 194 -10.12 6.79 -31.90
N SER B 195 -9.24 6.95 -32.89
CA SER B 195 -9.08 8.14 -33.72
C SER B 195 -10.38 8.80 -34.24
N SER B 196 -11.46 8.02 -34.52
CA SER B 196 -12.75 8.53 -35.00
C SER B 196 -13.36 9.56 -34.06
N SER B 197 -13.29 9.27 -32.74
CA SER B 197 -13.82 10.06 -31.64
C SER B 197 -13.22 11.45 -31.50
N LEU B 198 -12.11 11.70 -32.19
CA LEU B 198 -11.40 12.98 -32.11
C LEU B 198 -12.20 14.20 -32.57
N GLY B 199 -13.28 13.96 -33.30
CA GLY B 199 -14.15 15.04 -33.73
C GLY B 199 -15.35 15.14 -32.82
N THR B 200 -16.04 14.00 -32.65
CA THR B 200 -17.23 13.82 -31.85
C THR B 200 -17.01 14.08 -30.36
N GLN B 201 -16.21 13.20 -29.71
CA GLN B 201 -15.96 13.27 -28.29
C GLN B 201 -15.04 14.39 -27.86
N THR B 202 -15.51 15.13 -26.84
CA THR B 202 -14.80 16.24 -26.20
C THR B 202 -14.23 15.65 -24.91
N TYR B 203 -12.91 15.75 -24.73
CA TYR B 203 -12.22 15.17 -23.57
C TYR B 203 -11.80 16.21 -22.57
N ILE B 204 -11.91 15.90 -21.27
CA ILE B 204 -11.53 16.83 -20.19
C ILE B 204 -10.70 16.10 -19.14
N CYS B 205 -9.58 16.73 -18.70
CA CYS B 205 -8.79 16.18 -17.60
C CYS B 205 -9.09 17.03 -16.37
N ASN B 206 -9.43 16.36 -15.28
CA ASN B 206 -9.78 17.04 -14.05
C ASN B 206 -8.63 16.92 -13.09
N VAL B 207 -7.86 18.03 -12.98
CA VAL B 207 -6.70 18.08 -12.11
C VAL B 207 -7.09 18.72 -10.76
N ASN B 208 -6.55 18.15 -9.70
CA ASN B 208 -6.79 18.57 -8.34
C ASN B 208 -5.50 18.46 -7.53
N HIS B 209 -5.03 19.62 -7.04
CA HIS B 209 -3.88 19.74 -6.15
C HIS B 209 -4.44 20.28 -4.86
N LYS B 210 -4.87 19.36 -3.95
CA LYS B 210 -5.48 19.71 -2.65
C LYS B 210 -4.58 20.65 -1.80
N PRO B 211 -3.24 20.44 -1.71
CA PRO B 211 -2.39 21.34 -0.91
C PRO B 211 -2.27 22.79 -1.35
N SER B 212 -2.83 23.15 -2.52
CA SER B 212 -2.81 24.54 -3.02
C SER B 212 -4.19 24.95 -3.48
N ASN B 213 -5.22 24.20 -3.05
CA ASN B 213 -6.63 24.37 -3.40
C ASN B 213 -6.80 24.75 -4.88
N THR B 214 -6.23 23.90 -5.75
CA THR B 214 -6.23 24.05 -7.19
C THR B 214 -7.07 22.93 -7.78
N LYS B 215 -8.08 23.31 -8.57
CA LYS B 215 -8.95 22.38 -9.26
C LYS B 215 -9.08 22.92 -10.65
N VAL B 216 -8.54 22.18 -11.63
CA VAL B 216 -8.56 22.59 -13.04
C VAL B 216 -9.25 21.54 -13.92
N ASP B 217 -9.75 22.00 -15.08
CA ASP B 217 -10.38 21.18 -16.10
C ASP B 217 -9.90 21.68 -17.47
N LYS B 218 -9.01 20.94 -18.12
CA LYS B 218 -8.52 21.34 -19.43
C LYS B 218 -9.34 20.57 -20.48
N LYS B 219 -9.58 21.18 -21.66
CA LYS B 219 -10.41 20.57 -22.69
C LYS B 219 -9.64 19.73 -23.72
N VAL B 220 -8.35 19.35 -23.49
CA VAL B 220 -7.54 18.51 -24.41
C VAL B 220 -7.55 19.10 -25.84
N GLU B 221 -8.48 18.63 -26.78
CA GLU B 221 -8.72 19.17 -28.16
C GLU B 221 -7.59 19.02 -29.21
N PRO B 222 -7.93 18.52 -30.43
CA PRO B 222 -6.89 18.38 -31.48
C PRO B 222 -6.57 19.67 -32.23
N LYS B 223 -5.47 19.65 -33.05
CA LYS B 223 -4.98 20.77 -33.89
C LYS B 223 -4.85 22.11 -33.13
N ASP C 1 11.98 -6.81 19.91
CA ASP C 1 11.42 -6.59 18.58
C ASP C 1 11.68 -7.76 17.64
N ILE C 2 10.58 -8.32 17.07
CA ILE C 2 10.57 -9.43 16.12
C ILE C 2 11.07 -8.99 14.72
N VAL C 3 11.62 -9.93 13.95
CA VAL C 3 12.13 -9.65 12.62
C VAL C 3 11.48 -10.62 11.63
N LEU C 4 10.68 -10.07 10.71
CA LEU C 4 9.98 -10.88 9.70
C LEU C 4 10.67 -10.77 8.35
N THR C 5 11.49 -11.78 8.04
CA THR C 5 12.29 -11.82 6.82
C THR C 5 11.55 -12.42 5.64
N GLN C 6 11.10 -11.55 4.71
CA GLN C 6 10.35 -12.01 3.53
C GLN C 6 11.21 -12.16 2.31
N SER C 7 11.59 -13.41 2.02
CA SER C 7 12.40 -13.79 0.86
C SER C 7 11.65 -14.78 -0.04
N PRO C 8 11.74 -14.67 -1.38
CA PRO C 8 12.55 -13.73 -2.18
C PRO C 8 12.07 -12.29 -2.11
N ALA C 9 12.98 -11.34 -2.34
CA ALA C 9 12.66 -9.93 -2.31
C ALA C 9 11.66 -9.60 -3.43
N THR C 10 11.87 -10.21 -4.63
CA THR C 10 11.03 -10.10 -5.83
C THR C 10 10.83 -11.51 -6.37
N LEU C 11 9.82 -11.70 -7.24
CA LEU C 11 9.48 -12.99 -7.79
C LEU C 11 8.70 -12.80 -9.10
N SER C 12 9.36 -13.02 -10.26
CA SER C 12 8.73 -12.88 -11.58
C SER C 12 8.07 -14.20 -11.96
N VAL C 13 6.73 -14.20 -12.12
CA VAL C 13 5.95 -15.39 -12.42
C VAL C 13 4.94 -15.21 -13.54
N THR C 14 4.85 -16.22 -14.41
CA THR C 14 3.92 -16.32 -15.54
C THR C 14 2.53 -16.58 -14.95
N PRO C 15 1.40 -16.28 -15.63
CA PRO C 15 0.09 -16.55 -15.01
C PRO C 15 -0.22 -18.04 -14.96
N GLY C 16 -1.25 -18.40 -14.22
CA GLY C 16 -1.67 -19.78 -14.03
C GLY C 16 -0.82 -20.56 -13.03
N ASP C 17 0.45 -20.15 -12.83
CA ASP C 17 1.43 -20.76 -11.92
C ASP C 17 0.98 -20.90 -10.46
N ARG C 18 1.62 -21.81 -9.73
CA ARG C 18 1.43 -21.96 -8.29
C ARG C 18 2.53 -21.06 -7.75
N VAL C 19 2.25 -20.30 -6.71
CA VAL C 19 3.22 -19.36 -6.14
C VAL C 19 3.35 -19.56 -4.63
N SER C 20 4.58 -19.46 -4.11
CA SER C 20 4.74 -19.60 -2.66
C SER C 20 5.69 -18.56 -2.10
N LEU C 21 5.08 -17.49 -1.56
CA LEU C 21 5.79 -16.35 -0.95
C LEU C 21 6.08 -16.69 0.51
N SER C 22 7.37 -16.65 0.92
CA SER C 22 7.74 -17.05 2.28
C SER C 22 7.97 -15.89 3.28
N CYS C 23 7.84 -16.21 4.61
CA CYS C 23 7.97 -15.31 5.78
C CYS C 23 8.53 -16.10 6.98
N ARG C 24 9.71 -15.70 7.53
CA ARG C 24 10.39 -16.38 8.67
C ARG C 24 10.75 -15.43 9.81
N ALA C 25 10.22 -15.75 10.98
CA ALA C 25 10.39 -14.93 12.17
C ALA C 25 11.57 -15.32 13.02
N SER C 26 12.19 -14.32 13.68
CA SER C 26 13.30 -14.52 14.62
C SER C 26 12.91 -15.44 15.81
N GLN C 27 11.77 -15.18 16.45
CA GLN C 27 11.20 -15.97 17.55
C GLN C 27 10.13 -16.85 16.93
N SER C 28 9.51 -17.74 17.72
CA SER C 28 8.36 -18.48 17.22
C SER C 28 7.22 -17.51 17.54
N ILE C 29 6.39 -17.23 16.53
CA ILE C 29 5.25 -16.34 16.65
C ILE C 29 3.93 -17.12 16.68
N SER C 30 3.99 -18.47 16.95
CA SER C 30 2.88 -19.41 17.05
C SER C 30 1.96 -19.35 15.78
N ASP C 31 0.72 -18.82 15.88
CA ASP C 31 -0.18 -18.69 14.72
C ASP C 31 -0.60 -17.23 14.44
N TYR C 32 0.08 -16.30 15.07
CA TYR C 32 -0.20 -14.87 14.96
C TYR C 32 0.45 -14.27 13.71
N LEU C 33 0.10 -14.75 12.52
CA LEU C 33 0.67 -14.22 11.27
C LEU C 33 -0.43 -13.79 10.30
N HIS C 34 -0.27 -12.62 9.68
CA HIS C 34 -1.29 -12.11 8.78
C HIS C 34 -0.71 -11.68 7.45
N TRP C 35 -1.48 -11.82 6.38
CA TRP C 35 -1.03 -11.53 5.02
C TRP C 35 -1.82 -10.42 4.37
N TYR C 36 -1.08 -9.45 3.77
CA TYR C 36 -1.65 -8.27 3.11
C TYR C 36 -1.19 -8.11 1.67
N GLN C 37 -2.10 -7.69 0.79
CA GLN C 37 -1.77 -7.47 -0.62
C GLN C 37 -1.88 -5.99 -0.89
N GLN C 38 -0.78 -5.40 -1.36
CA GLN C 38 -0.86 -3.98 -1.68
C GLN C 38 -0.63 -3.74 -3.15
N LYS C 39 -1.70 -3.37 -3.89
CA LYS C 39 -1.56 -3.09 -5.32
C LYS C 39 -1.07 -1.68 -5.52
N SER C 40 -0.67 -1.33 -6.74
CA SER C 40 -0.15 0.01 -6.99
C SER C 40 -1.27 1.03 -6.85
N HIS C 41 -0.96 2.20 -6.26
CA HIS C 41 -1.89 3.33 -6.04
C HIS C 41 -3.17 2.91 -5.23
N GLU C 42 -3.00 1.93 -4.31
CA GLU C 42 -4.07 1.36 -3.48
C GLU C 42 -3.52 1.03 -2.07
N SER C 43 -4.38 1.11 -1.01
CA SER C 43 -4.01 0.78 0.37
C SER C 43 -3.90 -0.75 0.51
N PRO C 44 -3.18 -1.35 1.51
CA PRO C 44 -3.14 -2.83 1.61
C PRO C 44 -4.53 -3.48 1.87
N ARG C 45 -4.61 -4.80 1.63
CA ARG C 45 -5.83 -5.58 1.75
C ARG C 45 -5.50 -6.81 2.53
N LEU C 46 -6.21 -7.03 3.64
CA LEU C 46 -5.98 -8.23 4.46
C LEU C 46 -6.53 -9.47 3.69
N LEU C 47 -5.64 -10.47 3.48
CA LEU C 47 -5.87 -11.72 2.75
C LEU C 47 -6.04 -12.92 3.66
N ILE C 48 -5.17 -13.03 4.66
CA ILE C 48 -5.12 -14.16 5.57
C ILE C 48 -4.97 -13.69 7.00
N LYS C 49 -5.77 -14.26 7.90
CA LYS C 49 -5.61 -14.01 9.32
C LYS C 49 -5.13 -15.29 10.00
N TYR C 50 -4.34 -15.13 11.04
CA TYR C 50 -3.80 -16.18 11.89
C TYR C 50 -3.31 -17.39 11.11
N ALA C 51 -2.36 -17.12 10.18
CA ALA C 51 -1.60 -18.00 9.28
C ALA C 51 -2.39 -18.79 8.23
N SER C 52 -3.52 -19.42 8.61
CA SER C 52 -4.32 -20.27 7.71
C SER C 52 -5.74 -19.79 7.36
N HIS C 53 -6.34 -18.90 8.18
CA HIS C 53 -7.74 -18.46 8.10
C HIS C 53 -8.06 -17.41 7.03
N SER C 54 -9.07 -17.77 6.21
CA SER C 54 -9.60 -17.11 5.04
C SER C 54 -10.34 -15.86 5.37
N ILE C 55 -10.18 -14.84 4.50
CA ILE C 55 -10.83 -13.53 4.68
C ILE C 55 -11.98 -13.37 3.70
N SER C 56 -13.11 -12.87 4.22
CA SER C 56 -14.35 -12.66 3.48
C SER C 56 -14.17 -11.67 2.31
N GLY C 57 -14.09 -12.21 1.10
CA GLY C 57 -13.96 -11.42 -0.12
C GLY C 57 -12.71 -11.70 -0.93
N ILE C 58 -11.71 -12.26 -0.27
CA ILE C 58 -10.43 -12.65 -0.86
C ILE C 58 -10.63 -13.83 -1.83
N PRO C 59 -10.22 -13.69 -3.12
CA PRO C 59 -10.36 -14.80 -4.07
C PRO C 59 -9.86 -16.13 -3.55
N SER C 60 -10.50 -17.22 -3.99
CA SER C 60 -10.24 -18.61 -3.62
C SER C 60 -8.76 -19.01 -3.67
N ARG C 61 -8.01 -18.50 -4.69
CA ARG C 61 -6.57 -18.75 -4.98
C ARG C 61 -5.68 -18.65 -3.76
N PHE C 62 -5.77 -17.50 -3.06
CA PHE C 62 -5.00 -17.22 -1.86
C PHE C 62 -5.43 -18.12 -0.71
N SER C 63 -4.39 -18.65 -0.05
CA SER C 63 -4.42 -19.59 1.05
C SER C 63 -3.07 -19.50 1.75
N GLY C 64 -3.08 -19.66 3.06
CA GLY C 64 -1.85 -19.58 3.83
C GLY C 64 -1.67 -20.81 4.69
N SER C 65 -0.39 -21.11 5.01
CA SER C 65 0.07 -22.23 5.85
C SER C 65 1.23 -21.82 6.76
N GLY C 66 1.53 -22.64 7.75
CA GLY C 66 2.65 -22.39 8.64
C GLY C 66 2.36 -22.29 10.12
N SER C 67 3.43 -22.42 10.91
CA SER C 67 3.41 -22.34 12.37
C SER C 67 4.79 -21.99 12.92
N GLY C 68 4.79 -21.30 14.05
CA GLY C 68 6.00 -20.92 14.77
C GLY C 68 6.90 -19.92 14.10
N SER C 69 7.85 -20.40 13.29
CA SER C 69 8.82 -19.51 12.68
C SER C 69 8.74 -19.40 11.16
N ASP C 70 8.32 -20.45 10.44
CA ASP C 70 8.22 -20.37 8.97
C ASP C 70 6.78 -20.44 8.48
N PHE C 71 6.38 -19.46 7.65
CA PHE C 71 5.02 -19.32 7.10
C PHE C 71 5.02 -19.13 5.58
N THR C 72 3.91 -19.49 4.91
CA THR C 72 3.84 -19.38 3.43
C THR C 72 2.45 -19.03 2.88
N LEU C 73 2.41 -17.93 2.09
CA LEU C 73 1.22 -17.44 1.39
C LEU C 73 1.31 -18.02 0.00
N SER C 74 0.27 -18.77 -0.39
CA SER C 74 0.22 -19.45 -1.66
C SER C 74 -0.89 -18.99 -2.56
N ILE C 75 -0.51 -18.62 -3.77
CA ILE C 75 -1.48 -18.27 -4.77
C ILE C 75 -1.55 -19.50 -5.65
N ASN C 76 -2.74 -20.09 -5.66
CA ASN C 76 -3.04 -21.29 -6.40
C ASN C 76 -2.86 -21.09 -7.93
N SER C 77 -3.64 -20.17 -8.55
CA SER C 77 -3.55 -19.95 -9.99
C SER C 77 -3.38 -18.49 -10.35
N VAL C 78 -2.18 -17.94 -10.02
CA VAL C 78 -1.68 -16.57 -10.24
C VAL C 78 -2.39 -15.84 -11.36
N GLU C 79 -2.97 -14.70 -11.06
CA GLU C 79 -3.66 -14.00 -12.13
C GLU C 79 -2.89 -12.70 -12.49
N PRO C 80 -3.20 -12.01 -13.63
CA PRO C 80 -2.40 -10.82 -13.98
C PRO C 80 -2.68 -9.61 -13.10
N GLU C 81 -3.80 -9.69 -12.34
CA GLU C 81 -4.31 -8.71 -11.38
C GLU C 81 -3.55 -8.84 -10.05
N ASP C 82 -3.09 -10.07 -9.70
CA ASP C 82 -2.34 -10.40 -8.49
C ASP C 82 -0.95 -9.77 -8.48
N VAL C 83 -0.73 -8.78 -9.36
CA VAL C 83 0.50 -8.04 -9.44
C VAL C 83 0.43 -6.94 -8.37
N GLY C 84 1.35 -7.06 -7.41
CA GLY C 84 1.48 -6.17 -6.26
C GLY C 84 2.64 -6.52 -5.34
N ILE C 85 2.59 -6.02 -4.10
CA ILE C 85 3.61 -6.29 -3.08
C ILE C 85 2.85 -7.01 -1.97
N TYR C 86 3.42 -8.12 -1.46
CA TYR C 86 2.77 -8.94 -0.44
C TYR C 86 3.43 -8.85 0.94
N TYR C 87 2.69 -8.44 1.98
CA TYR C 87 3.29 -8.28 3.31
C TYR C 87 2.78 -9.26 4.39
N CYS C 88 3.71 -9.72 5.24
CA CYS C 88 3.37 -10.56 6.38
C CYS C 88 3.57 -9.72 7.64
N GLN C 89 2.67 -9.86 8.62
CA GLN C 89 2.73 -9.07 9.84
C GLN C 89 2.33 -9.95 11.02
N HIS C 90 3.05 -9.84 12.15
CA HIS C 90 2.78 -10.69 13.31
C HIS C 90 1.90 -10.06 14.42
N GLY C 91 1.56 -10.87 15.43
CA GLY C 91 0.75 -10.44 16.58
C GLY C 91 1.32 -10.87 17.92
N HIS C 92 2.09 -11.94 17.91
CA HIS C 92 2.69 -12.58 19.07
C HIS C 92 3.74 -11.71 19.82
N SER C 93 3.29 -10.67 20.55
CA SER C 93 4.10 -9.72 21.36
C SER C 93 4.33 -8.33 20.73
N PHE C 94 4.22 -7.29 21.59
CA PHE C 94 4.39 -5.89 21.25
C PHE C 94 5.86 -5.64 20.99
N PRO C 95 6.21 -4.87 19.94
CA PRO C 95 5.36 -4.25 18.93
C PRO C 95 5.14 -5.18 17.76
N TRP C 96 4.31 -4.77 16.82
CA TRP C 96 4.02 -5.57 15.64
C TRP C 96 4.90 -5.14 14.47
N THR C 97 5.41 -6.12 13.76
CA THR C 97 6.32 -5.86 12.67
C THR C 97 5.79 -6.44 11.40
N PHE C 98 6.10 -5.75 10.30
CA PHE C 98 5.78 -6.20 8.97
C PHE C 98 7.04 -6.85 8.37
N GLY C 99 6.96 -7.26 7.13
CA GLY C 99 8.07 -7.88 6.43
C GLY C 99 8.50 -7.04 5.25
N GLY C 100 9.46 -7.61 4.51
CA GLY C 100 10.06 -7.07 3.28
C GLY C 100 9.01 -6.74 2.25
N GLY C 101 8.40 -7.77 1.68
CA GLY C 101 7.32 -7.52 0.75
C GLY C 101 7.14 -8.40 -0.46
N THR C 102 8.20 -9.10 -0.95
CA THR C 102 8.10 -9.94 -2.16
C THR C 102 7.25 -9.26 -3.29
N LYS C 103 7.91 -8.47 -4.16
CA LYS C 103 7.22 -7.85 -5.28
C LYS C 103 6.91 -8.94 -6.32
N LEU C 104 5.64 -9.09 -6.64
CA LEU C 104 5.19 -10.09 -7.57
C LEU C 104 5.08 -9.45 -8.92
N GLU C 105 5.90 -9.93 -9.87
CA GLU C 105 5.94 -9.44 -11.25
C GLU C 105 5.36 -10.48 -12.20
N ILE C 106 4.26 -10.12 -12.89
CA ILE C 106 3.61 -11.00 -13.85
C ILE C 106 4.46 -11.07 -15.12
N LYS C 107 4.67 -12.29 -15.63
CA LYS C 107 5.40 -12.51 -16.87
C LYS C 107 4.41 -12.47 -18.06
N ARG C 108 4.86 -11.95 -19.21
CA ARG C 108 4.05 -11.93 -20.43
C ARG C 108 4.92 -11.93 -21.69
N THR C 109 4.26 -12.13 -22.87
CA THR C 109 4.87 -12.17 -24.21
C THR C 109 5.44 -10.81 -24.55
N VAL C 110 6.42 -10.73 -25.47
CA VAL C 110 6.93 -9.42 -25.89
C VAL C 110 5.76 -8.58 -26.50
N ALA C 111 5.82 -7.27 -26.29
CA ALA C 111 4.82 -6.32 -26.77
C ALA C 111 5.55 -5.06 -27.19
N ALA C 112 5.25 -4.54 -28.37
CA ALA C 112 5.92 -3.32 -28.83
C ALA C 112 5.18 -2.08 -28.34
N PRO C 113 5.91 -1.01 -27.93
CA PRO C 113 5.22 0.21 -27.51
C PRO C 113 4.59 0.92 -28.69
N SER C 114 3.54 1.70 -28.41
CA SER C 114 2.86 2.56 -29.38
C SER C 114 3.60 3.88 -29.14
N VAL C 115 4.15 4.50 -30.16
CA VAL C 115 4.92 5.70 -29.85
C VAL C 115 4.20 6.98 -30.27
N PHE C 116 4.32 8.03 -29.45
CA PHE C 116 3.65 9.30 -29.72
C PHE C 116 4.53 10.49 -29.36
N ILE C 117 4.44 11.57 -30.15
CA ILE C 117 5.21 12.78 -29.90
C ILE C 117 4.24 13.95 -29.78
N PHE C 118 4.44 14.76 -28.74
CA PHE C 118 3.57 15.89 -28.41
C PHE C 118 4.33 17.19 -28.35
N PRO C 119 4.00 18.13 -29.26
CA PRO C 119 4.62 19.46 -29.22
C PRO C 119 4.20 20.26 -27.99
N PRO C 120 5.04 21.21 -27.55
CA PRO C 120 4.67 22.04 -26.39
C PRO C 120 3.50 22.96 -26.72
N SER C 121 2.54 23.04 -25.78
CA SER C 121 1.30 23.82 -25.81
C SER C 121 1.46 25.27 -26.23
N ASP C 122 0.43 25.80 -26.87
CA ASP C 122 0.28 27.19 -27.31
C ASP C 122 0.59 28.14 -26.12
N GLU C 123 0.02 27.79 -24.93
CA GLU C 123 0.10 28.47 -23.65
C GLU C 123 1.39 28.21 -22.86
N GLN C 124 1.86 26.95 -22.83
CA GLN C 124 3.11 26.57 -22.14
C GLN C 124 4.24 27.38 -22.72
N LEU C 125 4.09 27.78 -24.00
CA LEU C 125 5.02 28.57 -24.77
C LEU C 125 4.93 30.04 -24.42
N LYS C 126 3.70 30.56 -24.15
CA LYS C 126 3.59 31.97 -23.78
C LYS C 126 4.22 32.25 -22.38
N SER C 127 4.56 31.15 -21.65
CA SER C 127 5.22 31.20 -20.34
C SER C 127 6.72 31.42 -20.48
N GLY C 128 7.34 30.72 -21.42
CA GLY C 128 8.78 30.84 -21.61
C GLY C 128 9.53 29.55 -21.46
N THR C 129 8.80 28.42 -21.39
CA THR C 129 9.41 27.08 -21.31
C THR C 129 8.73 26.16 -22.32
N ALA C 130 9.53 25.26 -22.90
CA ALA C 130 9.08 24.32 -23.91
C ALA C 130 9.24 22.92 -23.40
N SER C 131 8.11 22.19 -23.28
CA SER C 131 8.12 20.81 -22.85
C SER C 131 7.57 19.91 -23.97
N VAL C 132 8.46 19.11 -24.57
CA VAL C 132 8.15 18.15 -25.66
C VAL C 132 8.06 16.73 -25.04
N VAL C 133 6.89 16.06 -25.25
CA VAL C 133 6.58 14.75 -24.65
C VAL C 133 6.58 13.58 -25.64
N CYS C 134 7.24 12.49 -25.24
CA CYS C 134 7.31 11.23 -25.98
C CYS C 134 6.60 10.16 -25.14
N LEU C 135 5.51 9.57 -25.68
CA LEU C 135 4.77 8.54 -24.97
C LEU C 135 5.02 7.17 -25.59
N LEU C 136 5.36 6.18 -24.74
CA LEU C 136 5.55 4.77 -25.10
C LEU C 136 4.43 4.04 -24.39
N ASN C 137 3.32 3.79 -25.10
CA ASN C 137 2.14 3.20 -24.50
C ASN C 137 2.09 1.68 -24.62
N ASN C 138 1.77 1.01 -23.48
CA ASN C 138 1.56 -0.43 -23.31
C ASN C 138 2.54 -1.36 -24.04
N PHE C 139 3.62 -1.74 -23.34
CA PHE C 139 4.68 -2.61 -23.86
C PHE C 139 5.30 -3.55 -22.81
N TYR C 140 6.09 -4.54 -23.27
CA TYR C 140 6.78 -5.52 -22.43
C TYR C 140 8.07 -5.97 -23.14
N PRO C 141 9.21 -6.17 -22.46
CA PRO C 141 9.47 -5.94 -21.04
C PRO C 141 9.61 -4.44 -20.75
N ARG C 142 9.96 -4.12 -19.50
CA ARG C 142 10.08 -2.76 -19.02
C ARG C 142 11.22 -2.07 -19.73
N GLU C 143 12.36 -2.79 -19.87
CA GLU C 143 13.53 -2.21 -20.51
C GLU C 143 13.22 -1.71 -21.95
N ALA C 144 13.47 -0.41 -22.19
CA ALA C 144 13.30 0.27 -23.47
C ALA C 144 14.21 1.50 -23.44
N LYS C 145 14.70 1.98 -24.61
CA LYS C 145 15.57 3.16 -24.71
C LYS C 145 14.92 4.28 -25.50
N VAL C 146 14.96 5.53 -24.96
CA VAL C 146 14.46 6.72 -25.66
C VAL C 146 15.59 7.74 -25.80
N GLN C 147 15.85 8.18 -27.05
CA GLN C 147 16.83 9.23 -27.35
C GLN C 147 16.06 10.34 -28.01
N TRP C 148 16.36 11.57 -27.66
CA TRP C 148 15.68 12.67 -28.31
C TRP C 148 16.69 13.26 -29.28
N LYS C 149 16.17 13.87 -30.38
CA LYS C 149 16.99 14.54 -31.42
C LYS C 149 16.35 15.87 -31.85
N VAL C 150 17.12 16.97 -31.80
CA VAL C 150 16.61 18.29 -32.20
C VAL C 150 17.42 18.76 -33.41
N ASP C 151 16.78 18.75 -34.62
CA ASP C 151 17.39 19.08 -35.92
C ASP C 151 18.58 18.09 -36.07
N ASN C 152 18.25 16.79 -35.90
CA ASN C 152 19.11 15.59 -35.87
C ASN C 152 20.28 15.71 -34.86
N ALA C 153 20.19 16.64 -33.92
CA ALA C 153 21.23 16.74 -32.92
C ALA C 153 20.82 15.83 -31.78
N LEU C 154 21.71 14.89 -31.38
CA LEU C 154 21.40 13.95 -30.30
C LEU C 154 21.42 14.66 -28.96
N GLN C 155 20.23 14.87 -28.39
CA GLN C 155 20.05 15.54 -27.10
C GLN C 155 20.52 14.67 -25.95
N SER C 156 21.26 15.26 -24.99
CA SER C 156 21.72 14.48 -23.84
C SER C 156 21.71 15.26 -22.53
N GLY C 157 20.87 14.76 -21.61
CA GLY C 157 20.72 15.28 -20.25
C GLY C 157 19.81 16.48 -20.10
N ASN C 158 18.62 16.42 -20.71
CA ASN C 158 17.61 17.49 -20.65
C ASN C 158 16.21 16.93 -20.86
N SER C 159 16.08 15.64 -20.53
CA SER C 159 14.87 14.85 -20.63
C SER C 159 14.77 13.93 -19.44
N GLN C 160 13.55 13.75 -18.92
CA GLN C 160 13.31 12.87 -17.78
C GLN C 160 12.23 11.81 -18.10
N GLU C 161 12.52 10.53 -17.79
CA GLU C 161 11.60 9.40 -17.99
C GLU C 161 10.93 9.02 -16.67
N SER C 162 9.70 8.51 -16.76
CA SER C 162 8.94 7.96 -15.63
C SER C 162 8.10 6.87 -16.21
N VAL C 163 8.17 5.68 -15.61
CA VAL C 163 7.47 4.50 -16.10
C VAL C 163 6.37 4.13 -15.15
N THR C 164 5.24 3.67 -15.71
CA THR C 164 4.12 3.20 -14.91
C THR C 164 4.43 1.85 -14.24
N GLU C 165 3.39 1.31 -13.60
CA GLU C 165 3.44 -0.01 -13.02
C GLU C 165 2.78 -1.02 -13.96
N GLN C 166 3.04 -2.31 -13.72
CA GLN C 166 2.51 -3.35 -14.58
C GLN C 166 1.00 -3.29 -14.53
N ASP C 167 0.35 -3.18 -15.71
CA ASP C 167 -1.11 -3.11 -15.78
C ASP C 167 -1.77 -4.31 -15.12
N SER C 168 -2.85 -4.06 -14.37
CA SER C 168 -3.57 -5.14 -13.70
C SER C 168 -4.38 -6.02 -14.67
N LYS C 169 -4.50 -5.57 -15.94
CA LYS C 169 -5.21 -6.27 -17.02
C LYS C 169 -4.23 -6.91 -17.98
N ASP C 170 -3.42 -6.10 -18.70
CA ASP C 170 -2.53 -6.59 -19.76
C ASP C 170 -1.02 -6.65 -19.43
N SER C 171 -0.66 -6.75 -18.16
CA SER C 171 0.72 -6.93 -17.66
C SER C 171 1.83 -6.05 -18.35
N THR C 172 1.44 -4.91 -18.98
CA THR C 172 2.39 -4.02 -19.64
C THR C 172 2.64 -2.73 -18.92
N TYR C 173 3.85 -2.23 -19.09
CA TYR C 173 4.35 -0.96 -18.61
C TYR C 173 4.09 0.12 -19.68
N SER C 174 4.25 1.40 -19.30
CA SER C 174 4.13 2.58 -20.18
C SER C 174 5.14 3.65 -19.72
N LEU C 175 5.69 4.42 -20.65
CA LEU C 175 6.71 5.40 -20.29
C LEU C 175 6.41 6.78 -20.88
N SER C 176 6.86 7.82 -20.17
CA SER C 176 6.80 9.20 -20.61
C SER C 176 8.17 9.83 -20.46
N SER C 177 8.79 10.21 -21.60
CA SER C 177 10.07 10.95 -21.64
C SER C 177 9.74 12.39 -22.03
N THR C 178 10.26 13.37 -21.25
CA THR C 178 9.97 14.78 -21.46
C THR C 178 11.21 15.67 -21.58
N LEU C 179 11.47 16.07 -22.84
CA LEU C 179 12.55 16.98 -23.22
C LEU C 179 12.03 18.38 -22.96
N THR C 180 12.81 19.14 -22.19
CA THR C 180 12.50 20.50 -21.78
C THR C 180 13.55 21.44 -22.31
N LEU C 181 13.10 22.54 -22.94
CA LEU C 181 13.96 23.59 -23.50
C LEU C 181 13.48 24.95 -23.06
N SER C 182 14.27 25.99 -23.33
CA SER C 182 13.84 27.37 -23.13
C SER C 182 12.89 27.63 -24.30
N LYS C 183 11.97 28.62 -24.21
CA LYS C 183 11.06 28.92 -25.34
C LYS C 183 11.90 29.35 -26.55
N ALA C 184 13.03 30.02 -26.23
CA ALA C 184 14.04 30.52 -27.14
C ALA C 184 14.64 29.36 -27.94
N ASP C 185 15.18 28.32 -27.26
CA ASP C 185 15.76 27.12 -27.90
C ASP C 185 14.75 26.40 -28.77
N TYR C 186 13.49 26.36 -28.32
CA TYR C 186 12.42 25.73 -29.08
C TYR C 186 12.23 26.47 -30.40
N GLU C 187 11.99 27.79 -30.33
CA GLU C 187 11.79 28.61 -31.52
C GLU C 187 12.99 28.64 -32.50
N LYS C 188 14.22 28.41 -31.99
CA LYS C 188 15.44 28.44 -32.80
C LYS C 188 15.65 27.20 -33.68
N HIS C 189 14.91 26.09 -33.42
CA HIS C 189 15.02 24.83 -34.21
C HIS C 189 13.74 24.47 -34.94
N LYS C 190 13.67 23.29 -35.62
CA LYS C 190 12.45 22.91 -36.37
C LYS C 190 12.00 21.44 -36.22
N VAL C 191 12.93 20.45 -36.25
CA VAL C 191 12.56 19.02 -36.17
C VAL C 191 12.89 18.37 -34.81
N TYR C 192 11.82 17.92 -34.14
CA TYR C 192 11.78 17.29 -32.83
C TYR C 192 11.39 15.81 -32.96
N ALA C 193 12.29 14.93 -32.54
CA ALA C 193 12.04 13.49 -32.66
C ALA C 193 12.52 12.65 -31.48
N CYS C 194 11.79 11.57 -31.18
CA CYS C 194 12.21 10.61 -30.19
C CYS C 194 12.35 9.26 -30.81
N GLU C 195 13.50 8.62 -30.62
CA GLU C 195 13.82 7.32 -31.21
C GLU C 195 13.79 6.21 -30.16
N VAL C 196 12.69 5.46 -30.18
CA VAL C 196 12.37 4.37 -29.27
C VAL C 196 13.10 3.09 -29.69
N THR C 197 13.72 2.39 -28.74
CA THR C 197 14.53 1.20 -29.01
C THR C 197 14.14 0.05 -28.07
N HIS C 198 13.08 -0.69 -28.46
CA HIS C 198 12.53 -1.82 -27.69
C HIS C 198 12.85 -3.21 -28.26
N GLN C 199 12.83 -4.26 -27.38
CA GLN C 199 13.00 -5.67 -27.81
C GLN C 199 11.88 -6.06 -28.80
N GLY C 200 10.66 -5.55 -28.56
CA GLY C 200 9.50 -5.76 -29.40
C GLY C 200 9.59 -5.02 -30.73
N LEU C 201 10.67 -4.22 -30.92
CA LEU C 201 10.89 -3.48 -32.15
C LEU C 201 12.06 -4.09 -32.93
N SER C 202 11.80 -4.37 -34.23
CA SER C 202 12.72 -4.93 -35.24
C SER C 202 13.84 -3.93 -35.57
N SER C 203 13.43 -2.67 -35.74
CA SER C 203 14.24 -1.50 -36.10
C SER C 203 13.71 -0.27 -35.32
N PRO C 204 14.62 0.52 -34.68
CA PRO C 204 14.17 1.68 -33.89
C PRO C 204 13.14 2.61 -34.56
N VAL C 205 12.07 2.94 -33.79
CA VAL C 205 10.96 3.79 -34.24
C VAL C 205 11.25 5.24 -33.89
N THR C 206 11.09 6.14 -34.87
CA THR C 206 11.35 7.56 -34.66
C THR C 206 10.13 8.40 -35.06
N LYS C 207 9.25 8.67 -34.07
CA LYS C 207 8.07 9.53 -34.28
C LYS C 207 8.59 10.97 -34.14
N SER C 208 8.22 11.85 -35.09
CA SER C 208 8.72 13.23 -35.11
C SER C 208 7.70 14.25 -35.58
N PHE C 209 8.05 15.54 -35.45
CA PHE C 209 7.25 16.67 -35.93
C PHE C 209 8.15 17.85 -36.27
N ASN C 210 7.68 18.74 -37.14
CA ASN C 210 8.39 19.95 -37.54
C ASN C 210 7.58 21.11 -36.99
N ARG C 211 8.18 21.97 -36.15
CA ARG C 211 7.41 23.04 -35.51
C ARG C 211 6.92 24.11 -36.47
N GLY C 212 5.67 24.50 -36.26
CA GLY C 212 4.95 25.43 -37.11
C GLY C 212 4.37 24.70 -38.30
N GLU C 213 3.85 23.44 -38.05
CA GLU C 213 3.23 22.53 -39.04
C GLU C 213 2.05 21.78 -38.41
S SO4 D . 12.25 10.92 18.53
O1 SO4 D . 12.17 11.29 17.11
O2 SO4 D . 13.56 10.34 18.80
O3 SO4 D . 11.20 9.93 18.87
O4 SO4 D . 12.07 12.11 19.39
S SO4 E . -11.33 -20.58 8.13
O1 SO4 E . -11.19 -19.50 9.09
O2 SO4 E . -10.16 -20.61 7.24
O3 SO4 E . -11.42 -21.85 8.86
O4 SO4 E . -12.53 -20.37 7.31
#